data_5TQ7
#
_entry.id   5TQ7
#
_cell.length_a   37.061
_cell.length_b   185.108
_cell.length_c   52.492
_cell.angle_alpha   90.00
_cell.angle_beta   110.64
_cell.angle_gamma   90.00
#
_symmetry.space_group_name_H-M   'P 1 21 1'
#
loop_
_entity.id
_entity.type
_entity.pdbx_description
1 polymer 'Tyrosine-protein kinase JAK2'
2 non-polymer {(3R,4R)-4-methyl-3-[methyl(7H-pyrrolo[2,3-d]pyrimidin-4-yl)amino]piperidin-1-yl}[(3R)-3-(phenylsulfonyl)pyrrolidin-1-yl]methanone
3 water water
#
_entity_poly.entity_id   1
_entity_poly.type   'polypeptide(L)'
_entity_poly.pdbx_seq_one_letter_code
;MGHHHHHHEDRDPTQFEERHLKFLQQLGKGNFGSVEMCRYDPLQDNTGEVVAVKKLQHSTEEHLRDFEREIEILKSLQHD
NIVKYKGVCYSAGRRNLKLIMEYLPYGSLRDYLQKHKERIDHIKLLQYTSQICKGMEYLGTKRYIHRDLATRNILVENEN
RVKIGDFGLTKVLPQDKE(PTR)(PTR)KVKEPGESPIFWYAPESLTESKFSVASDVWSFGVVLYELFTYIEKSKSPPAE
FMRMIGNDKQGQSIVTHLIELLKNNGRLPRPDGCPDEIYMIMTECWNNNVNQRPSFRDLALRVDQVRDNMAG
;
_entity_poly.pdbx_strand_id   A,B
#
loop_
_chem_comp.id
_chem_comp.type
_chem_comp.name
_chem_comp.formula
7GT non-polymer {(3R,4R)-4-methyl-3-[methyl(7H-pyrrolo[2,3-d]pyrimidin-4-yl)amino]piperidin-1-yl}[(3R)-3-(phenylsulfonyl)pyrrolidin-1-yl]methanone 'C24 H30 N6 O3 S'
#
# COMPACT_ATOMS: atom_id res chain seq x y z
N PRO A 13 33.13 -39.15 -4.08
CA PRO A 13 31.95 -38.47 -3.51
C PRO A 13 31.73 -38.85 -2.05
N THR A 14 31.25 -37.90 -1.25
CA THR A 14 31.45 -37.94 0.20
C THR A 14 30.62 -39.04 0.87
N GLN A 15 31.31 -39.71 1.80
CA GLN A 15 30.89 -40.94 2.45
C GLN A 15 31.03 -40.75 3.95
N PHE A 16 30.00 -41.10 4.70
CA PHE A 16 29.90 -40.66 6.09
C PHE A 16 29.74 -41.81 7.06
N GLU A 17 30.68 -41.91 7.99
CA GLU A 17 30.56 -42.83 9.14
C GLU A 17 29.57 -42.24 10.15
N GLU A 18 28.45 -42.93 10.37
CA GLU A 18 27.46 -42.55 11.41
C GLU A 18 28.15 -42.21 12.71
N ARG A 19 29.17 -42.99 13.06
CA ARG A 19 29.84 -42.88 14.35
C ARG A 19 30.46 -41.53 14.64
N HIS A 20 30.98 -40.86 13.60
CA HIS A 20 31.68 -39.58 13.75
C HIS A 20 30.80 -38.37 13.49
N LEU A 21 29.50 -38.60 13.30
CA LEU A 21 28.55 -37.53 13.09
C LEU A 21 28.06 -37.08 14.46
N LYS A 22 28.60 -35.95 14.92
CA LYS A 22 28.31 -35.47 16.24
C LYS A 22 27.23 -34.37 16.22
N PHE A 23 26.13 -34.62 16.95
CA PHE A 23 25.03 -33.67 17.14
C PHE A 23 25.46 -32.37 17.86
N LEU A 24 25.24 -31.20 17.24
CA LEU A 24 25.55 -29.93 17.89
C LEU A 24 24.33 -29.20 18.39
N GLN A 25 23.33 -29.03 17.54
CA GLN A 25 22.10 -28.36 17.92
C GLN A 25 20.99 -28.66 16.94
N GLN A 26 19.79 -28.67 17.47
CA GLN A 26 18.55 -28.83 16.75
C GLN A 26 18.16 -27.65 15.84
N LEU A 27 17.95 -27.92 14.56
CA LEU A 27 17.61 -26.83 13.62
C LEU A 27 16.12 -26.70 13.25
N GLY A 28 15.37 -27.80 13.32
CA GLY A 28 13.95 -27.78 13.02
C GLY A 28 13.39 -29.12 13.37
N LYS A 29 12.18 -29.17 13.90
CA LYS A 29 11.58 -30.44 14.23
C LYS A 29 10.19 -30.45 13.71
N GLY A 30 9.75 -31.60 13.23
CA GLY A 30 8.38 -31.75 12.76
C GLY A 30 7.66 -33.03 13.16
N ASN A 31 6.40 -33.08 12.73
CA ASN A 31 5.55 -34.27 12.74
C ASN A 31 6.31 -35.60 12.53
N PHE A 32 7.18 -35.65 11.52
CA PHE A 32 7.75 -36.93 11.09
C PHE A 32 9.24 -36.87 10.85
N GLY A 33 9.94 -35.93 11.44
CA GLY A 33 11.32 -35.71 11.06
C GLY A 33 11.97 -34.51 11.70
N SER A 34 13.23 -34.28 11.37
CA SER A 34 13.99 -33.17 11.91
C SER A 34 15.22 -32.90 11.10
N VAL A 35 15.73 -31.69 11.30
CA VAL A 35 16.98 -31.18 10.72
C VAL A 35 17.88 -30.79 11.91
N GLU A 36 19.08 -31.34 11.93
CA GLU A 36 20.08 -31.01 12.94
C GLU A 36 21.30 -30.39 12.29
N MET A 37 22.01 -29.62 13.10
CA MET A 37 23.35 -29.15 12.81
C MET A 37 24.26 -30.17 13.48
N CYS A 38 25.09 -30.83 12.67
CA CYS A 38 26.06 -31.79 13.17
C CYS A 38 27.47 -31.40 12.72
N ARG A 39 28.48 -31.89 13.44
CA ARG A 39 29.87 -31.81 12.95
C ARG A 39 30.36 -33.19 12.55
N TYR A 40 30.83 -33.36 11.31
CA TYR A 40 31.42 -34.64 10.92
C TYR A 40 32.88 -34.61 11.32
N ASP A 41 33.29 -35.49 12.25
CA ASP A 41 34.58 -35.30 12.96
C ASP A 41 35.45 -36.57 13.06
N PRO A 42 35.83 -37.18 11.91
CA PRO A 42 36.65 -38.41 11.91
C PRO A 42 37.98 -38.34 12.69
N LEU A 43 38.64 -37.19 12.68
CA LEU A 43 39.89 -37.02 13.43
C LEU A 43 39.65 -36.81 14.93
N GLN A 44 38.38 -36.78 15.33
CA GLN A 44 38.01 -36.73 16.73
C GLN A 44 38.68 -35.58 17.50
N ASP A 45 38.99 -34.49 16.81
CA ASP A 45 39.64 -33.34 17.43
C ASP A 45 38.86 -32.01 17.22
N ASN A 46 37.55 -32.14 17.01
CA ASN A 46 36.61 -31.05 16.62
C ASN A 46 36.97 -30.04 15.52
N THR A 47 37.81 -30.49 14.58
CA THR A 47 38.14 -29.70 13.39
C THR A 47 37.30 -30.10 12.18
N GLY A 48 36.37 -31.03 12.37
CA GLY A 48 35.54 -31.50 11.25
C GLY A 48 34.63 -30.39 10.75
N GLU A 49 34.11 -30.53 9.53
CA GLU A 49 33.20 -29.50 9.03
C GLU A 49 31.75 -29.65 9.58
N VAL A 50 31.07 -28.51 9.76
CA VAL A 50 29.66 -28.45 10.19
C VAL A 50 28.72 -28.71 9.00
N VAL A 51 27.77 -29.60 9.19
CA VAL A 51 26.78 -29.92 8.15
C VAL A 51 25.38 -29.93 8.76
N ALA A 52 24.39 -29.97 7.87
CA ALA A 52 23.02 -30.04 8.25
C ALA A 52 22.59 -31.47 7.91
N VAL A 53 21.73 -32.03 8.73
CA VAL A 53 21.39 -33.46 8.69
C VAL A 53 19.90 -33.60 8.84
N LYS A 54 19.28 -34.19 7.82
CA LYS A 54 17.85 -34.43 7.81
C LYS A 54 17.56 -35.89 8.09
N LYS A 55 16.67 -36.16 9.05
CA LYS A 55 16.32 -37.52 9.42
C LYS A 55 14.82 -37.63 9.70
N LEU A 56 14.33 -38.87 9.63
CA LEU A 56 12.92 -39.18 9.86
C LEU A 56 12.77 -39.68 11.29
N GLN A 57 11.59 -39.46 11.87
CA GLN A 57 11.41 -39.45 13.34
C GLN A 57 10.52 -40.56 13.84
N HIS A 58 9.38 -40.77 13.19
CA HIS A 58 8.47 -41.87 13.53
C HIS A 58 7.77 -42.37 12.30
N GLU A 62 4.26 -44.42 1.84
CA GLU A 62 5.55 -44.66 2.47
C GLU A 62 6.42 -43.39 2.61
N HIS A 63 6.61 -42.96 3.84
CA HIS A 63 7.54 -41.87 4.15
C HIS A 63 8.91 -42.18 3.61
N LEU A 64 9.39 -43.37 3.98
CA LEU A 64 10.73 -43.84 3.62
C LEU A 64 10.93 -43.84 2.12
N ARG A 65 9.93 -44.30 1.36
CA ARG A 65 10.00 -44.22 -0.11
C ARG A 65 10.15 -42.76 -0.51
N ASP A 66 9.36 -41.89 0.09
CA ASP A 66 9.35 -40.46 -0.23
C ASP A 66 10.67 -39.78 0.13
N PHE A 67 11.26 -40.23 1.25
CA PHE A 67 12.53 -39.71 1.69
C PHE A 67 13.65 -40.11 0.71
N GLU A 68 13.63 -41.35 0.24
CA GLU A 68 14.66 -41.81 -0.66
C GLU A 68 14.54 -41.14 -2.06
N ARG A 69 13.33 -40.73 -2.45
CA ARG A 69 13.14 -39.90 -3.68
C ARG A 69 13.69 -38.50 -3.46
N GLU A 70 13.42 -37.91 -2.30
CA GLU A 70 13.92 -36.59 -1.95
C GLU A 70 15.45 -36.50 -2.04
N ILE A 71 16.12 -37.49 -1.48
CA ILE A 71 17.57 -37.56 -1.57
C ILE A 71 18.04 -37.46 -3.03
N GLU A 72 17.42 -38.23 -3.90
CA GLU A 72 17.84 -38.32 -5.31
C GLU A 72 17.52 -37.01 -6.03
N ILE A 73 16.40 -36.41 -5.67
CA ILE A 73 16.05 -35.08 -6.20
C ILE A 73 17.12 -34.04 -5.83
N LEU A 74 17.48 -33.98 -4.54
CA LEU A 74 18.41 -32.98 -4.07
C LEU A 74 19.80 -33.17 -4.74
N LYS A 75 20.25 -34.41 -4.74
CA LYS A 75 21.43 -34.87 -5.48
C LYS A 75 21.50 -34.43 -6.94
N SER A 76 20.44 -34.65 -7.67
CA SER A 76 20.37 -34.27 -9.06
C SER A 76 20.38 -32.77 -9.25
N LEU A 77 20.10 -31.98 -8.21
CA LEU A 77 20.17 -30.51 -8.30
C LEU A 77 21.58 -29.93 -8.00
N GLN A 78 22.12 -29.14 -8.92
CA GLN A 78 23.39 -28.44 -8.68
C GLN A 78 23.23 -27.01 -9.28
N HIS A 79 23.12 -26.04 -8.37
CA HIS A 79 22.73 -24.68 -8.71
C HIS A 79 23.14 -23.72 -7.58
N ASP A 80 23.50 -22.49 -7.95
CA ASP A 80 23.93 -21.46 -7.00
C ASP A 80 22.86 -21.11 -5.96
N ASN A 81 21.60 -21.29 -6.31
CA ASN A 81 20.52 -20.94 -5.43
C ASN A 81 19.76 -22.14 -4.91
N ILE A 82 20.42 -23.32 -4.95
CA ILE A 82 19.91 -24.51 -4.30
C ILE A 82 20.97 -25.07 -3.32
N VAL A 83 20.51 -25.39 -2.10
CA VAL A 83 21.35 -25.97 -1.05
C VAL A 83 22.04 -27.26 -1.51
N LYS A 84 23.35 -27.33 -1.28
CA LYS A 84 24.20 -28.45 -1.77
C LYS A 84 23.99 -29.79 -1.06
N TYR A 85 23.68 -30.81 -1.84
CA TYR A 85 23.75 -32.21 -1.40
C TYR A 85 25.18 -32.56 -1.05
N LYS A 86 25.35 -33.28 0.06
CA LYS A 86 26.68 -33.70 0.48
C LYS A 86 26.83 -35.21 0.47
N GLY A 87 25.79 -35.95 0.89
CA GLY A 87 25.79 -37.40 0.75
C GLY A 87 24.75 -38.01 1.68
N VAL A 88 24.90 -39.27 2.05
CA VAL A 88 23.99 -39.90 3.02
C VAL A 88 24.77 -40.57 4.09
N CYS A 89 24.04 -40.97 5.14
CA CYS A 89 24.61 -41.64 6.27
C CYS A 89 23.56 -42.62 6.83
N TYR A 90 23.96 -43.86 6.95
CA TYR A 90 23.14 -45.01 7.25
C TYR A 90 23.66 -45.87 8.33
N SER A 91 22.76 -46.65 8.92
CA SER A 91 23.08 -47.65 9.91
C SER A 91 22.76 -48.96 9.23
N ALA A 92 23.19 -50.06 9.78
CA ALA A 92 22.89 -51.35 9.24
C ALA A 92 21.39 -51.45 9.26
N GLY A 93 20.72 -51.77 8.18
CA GLY A 93 21.24 -51.98 6.88
C GLY A 93 20.48 -50.90 6.14
N ASN A 96 18.45 -46.10 9.53
CA ASN A 96 18.11 -44.80 10.09
C ASN A 96 18.76 -43.74 9.20
N LEU A 97 18.33 -43.73 7.96
CA LEU A 97 18.78 -42.91 6.88
C LEU A 97 18.88 -41.40 7.13
N LYS A 98 20.07 -40.86 6.94
CA LYS A 98 20.30 -39.43 7.15
C LYS A 98 20.72 -38.77 5.86
N LEU A 99 20.04 -37.67 5.52
CA LEU A 99 20.45 -36.88 4.38
C LEU A 99 21.35 -35.74 4.86
N ILE A 100 22.57 -35.69 4.31
CA ILE A 100 23.58 -34.66 4.65
C ILE A 100 23.64 -33.55 3.60
N MET A 101 23.55 -32.30 4.06
CA MET A 101 23.60 -31.10 3.23
C MET A 101 24.61 -30.15 3.80
N GLU A 102 24.99 -29.13 3.04
CA GLU A 102 25.79 -28.04 3.61
C GLU A 102 25.00 -27.27 4.65
N TYR A 103 25.70 -26.84 5.70
CA TYR A 103 25.12 -26.01 6.74
C TYR A 103 25.30 -24.56 6.34
N LEU A 104 24.22 -23.79 6.31
CA LEU A 104 24.35 -22.36 6.02
C LEU A 104 24.06 -21.61 7.32
N PRO A 105 25.11 -21.08 7.97
CA PRO A 105 25.06 -20.49 9.32
C PRO A 105 24.12 -19.29 9.50
N TYR A 106 23.88 -18.54 8.44
CA TYR A 106 22.96 -17.41 8.54
C TYR A 106 21.48 -17.81 8.69
N GLY A 107 21.12 -19.04 8.35
CA GLY A 107 19.80 -19.55 8.65
C GLY A 107 18.73 -19.15 7.63
N SER A 108 17.48 -19.25 8.03
CA SER A 108 16.41 -19.11 7.08
C SER A 108 16.16 -17.65 6.83
N LEU A 109 15.78 -17.35 5.60
CA LEU A 109 15.45 -16.00 5.20
C LEU A 109 14.35 -15.45 6.12
N ARG A 110 13.41 -16.32 6.52
CA ARG A 110 12.29 -15.88 7.38
C ARG A 110 12.77 -15.19 8.65
N ASP A 111 13.76 -15.78 9.31
CA ASP A 111 14.33 -15.24 10.54
C ASP A 111 15.32 -14.11 10.26
N TYR A 112 16.18 -14.30 9.26
CA TYR A 112 17.12 -13.25 8.85
C TYR A 112 16.43 -11.91 8.43
N LEU A 113 15.31 -11.99 7.71
CA LEU A 113 14.58 -10.77 7.31
C LEU A 113 13.99 -10.02 8.50
N GLN A 114 13.33 -10.81 9.35
CA GLN A 114 12.72 -10.39 10.61
C GLN A 114 13.75 -9.76 11.54
N LYS A 115 14.98 -10.27 11.49
CA LYS A 115 16.09 -9.72 12.27
C LYS A 115 16.54 -8.40 11.69
N HIS A 116 17.10 -8.42 10.47
CA HIS A 116 17.73 -7.22 9.87
C HIS A 116 16.82 -6.35 8.96
N LYS A 117 15.54 -6.20 9.29
CA LYS A 117 14.66 -5.33 8.45
C LYS A 117 15.15 -3.89 8.25
N GLU A 118 15.92 -3.35 9.19
CA GLU A 118 16.39 -1.97 9.08
C GLU A 118 17.66 -1.81 8.22
N ARG A 119 18.17 -2.92 7.71
CA ARG A 119 19.34 -2.88 6.83
C ARG A 119 19.06 -3.54 5.48
N ILE A 120 17.80 -3.90 5.24
CA ILE A 120 17.40 -4.63 4.03
C ILE A 120 16.33 -3.82 3.33
N ASP A 121 16.75 -3.14 2.28
CA ASP A 121 15.86 -2.31 1.48
C ASP A 121 15.21 -3.15 0.39
N HIS A 122 14.42 -2.52 -0.46
CA HIS A 122 13.71 -3.21 -1.53
C HIS A 122 14.66 -3.81 -2.58
N ILE A 123 15.71 -3.06 -2.91
CA ILE A 123 16.77 -3.61 -3.76
C ILE A 123 17.25 -5.00 -3.34
N LYS A 124 17.51 -5.17 -2.06
CA LYS A 124 17.88 -6.47 -1.51
C LYS A 124 16.72 -7.42 -1.66
N LEU A 125 15.51 -6.98 -1.30
CA LEU A 125 14.34 -7.85 -1.40
C LEU A 125 14.25 -8.50 -2.79
N LEU A 126 14.50 -7.71 -3.82
CA LEU A 126 14.25 -8.14 -5.20
C LEU A 126 15.37 -9.00 -5.71
N GLN A 127 16.56 -8.77 -5.20
CA GLN A 127 17.65 -9.69 -5.39
C GLN A 127 17.32 -11.10 -4.95
N TYR A 128 16.77 -11.23 -3.73
CA TYR A 128 16.39 -12.54 -3.19
C TYR A 128 15.26 -13.11 -4.04
N THR A 129 14.34 -12.25 -4.44
CA THR A 129 13.18 -12.68 -5.21
C THR A 129 13.61 -13.31 -6.55
N SER A 130 14.48 -12.61 -7.25
CA SER A 130 15.12 -13.09 -8.49
C SER A 130 15.93 -14.36 -8.32
N GLN A 131 16.71 -14.47 -7.26
CA GLN A 131 17.47 -15.72 -7.01
C GLN A 131 16.57 -16.87 -6.67
N ILE A 132 15.42 -16.60 -6.05
CA ILE A 132 14.39 -17.63 -5.87
C ILE A 132 13.74 -18.06 -7.23
N CYS A 133 13.38 -17.12 -8.08
CA CYS A 133 12.86 -17.48 -9.42
C CYS A 133 13.82 -18.30 -10.26
N LYS A 134 15.10 -17.95 -10.24
CA LYS A 134 16.11 -18.68 -11.03
C LYS A 134 16.23 -20.11 -10.57
N GLY A 135 16.16 -20.29 -9.26
CA GLY A 135 16.19 -21.63 -8.64
C GLY A 135 15.00 -22.43 -9.08
N MET A 136 13.82 -21.79 -9.05
CA MET A 136 12.55 -22.41 -9.47
C MET A 136 12.41 -22.72 -10.99
N GLU A 137 12.91 -21.75 -11.77
CA GLU A 137 13.14 -21.91 -13.20
C GLU A 137 13.91 -23.23 -13.45
N TYR A 138 15.02 -23.37 -12.74
CA TYR A 138 15.86 -24.55 -12.82
C TYR A 138 15.10 -25.82 -12.46
N LEU A 139 14.39 -25.80 -11.33
CA LEU A 139 13.62 -26.95 -10.93
C LEU A 139 12.71 -27.36 -12.07
N GLY A 140 12.15 -26.38 -12.75
CA GLY A 140 11.21 -26.65 -13.82
C GLY A 140 11.81 -27.37 -15.01
N THR A 141 13.10 -27.11 -15.26
CA THR A 141 13.82 -27.75 -16.35
C THR A 141 13.93 -29.25 -16.09
N LYS A 142 13.71 -29.68 -14.85
CA LYS A 142 13.73 -31.10 -14.52
C LYS A 142 12.32 -31.62 -14.19
N ARG A 143 11.28 -30.86 -14.58
CA ARG A 143 9.88 -31.15 -14.20
C ARG A 143 9.69 -31.45 -12.70
N TYR A 144 10.45 -30.76 -11.86
CA TYR A 144 10.28 -30.88 -10.44
C TYR A 144 9.29 -29.80 -9.94
N ILE A 145 8.34 -30.20 -9.10
CA ILE A 145 7.35 -29.31 -8.50
C ILE A 145 7.67 -29.20 -7.02
N HIS A 146 7.89 -27.99 -6.50
CA HIS A 146 8.43 -27.84 -5.16
C HIS A 146 7.37 -28.11 -4.04
N ARG A 147 6.19 -27.52 -4.20
CA ARG A 147 5.03 -27.78 -3.33
C ARG A 147 5.04 -27.04 -1.95
N ASP A 148 6.15 -26.40 -1.58
CA ASP A 148 6.29 -25.84 -0.22
C ASP A 148 7.10 -24.54 -0.30
N LEU A 149 6.85 -23.75 -1.33
CA LEU A 149 7.53 -22.45 -1.49
C LEU A 149 7.09 -21.44 -0.40
N ALA A 150 8.01 -21.12 0.51
CA ALA A 150 7.75 -20.19 1.61
C ALA A 150 9.10 -19.68 2.13
N THR A 151 9.13 -18.49 2.78
CA THR A 151 10.42 -17.97 3.30
C THR A 151 11.06 -18.90 4.35
N ARG A 152 10.22 -19.65 5.06
CA ARG A 152 10.62 -20.77 5.95
C ARG A 152 11.72 -21.64 5.39
N ASN A 153 11.61 -21.97 4.11
CA ASN A 153 12.44 -22.97 3.46
C ASN A 153 13.54 -22.38 2.58
N ILE A 154 13.74 -21.08 2.72
CA ILE A 154 14.78 -20.40 2.00
C ILE A 154 15.88 -20.10 2.99
N LEU A 155 17.12 -20.34 2.55
CA LEU A 155 18.31 -20.10 3.33
C LEU A 155 19.09 -18.89 2.84
N VAL A 156 19.79 -18.21 3.74
CA VAL A 156 20.70 -17.12 3.38
C VAL A 156 22.16 -17.60 3.39
N GLU A 157 22.80 -17.63 2.22
CA GLU A 157 24.23 -17.97 2.14
C GLU A 157 25.13 -16.83 2.58
N ASN A 158 24.90 -15.66 2.00
CA ASN A 158 25.38 -14.40 2.56
C ASN A 158 24.34 -13.29 2.39
N GLU A 159 24.67 -12.07 2.76
CA GLU A 159 23.75 -10.93 2.61
C GLU A 159 23.21 -10.72 1.20
N ASN A 160 23.96 -11.19 0.20
CA ASN A 160 23.59 -11.07 -1.22
C ASN A 160 23.22 -12.37 -1.94
N ARG A 161 22.95 -13.43 -1.18
CA ARG A 161 22.61 -14.70 -1.82
C ARG A 161 21.77 -15.63 -0.94
N VAL A 162 20.71 -16.14 -1.55
CA VAL A 162 19.87 -17.12 -0.91
C VAL A 162 19.88 -18.41 -1.74
N LYS A 163 19.48 -19.50 -1.06
CA LYS A 163 19.26 -20.82 -1.66
C LYS A 163 17.92 -21.38 -1.16
N ILE A 164 17.18 -22.04 -2.02
CA ILE A 164 16.04 -22.88 -1.59
C ILE A 164 16.58 -24.10 -0.76
N GLY A 165 16.13 -24.26 0.45
CA GLY A 165 16.80 -25.12 1.42
C GLY A 165 16.06 -26.39 1.84
N ASP A 166 14.93 -26.69 1.20
CA ASP A 166 14.17 -27.90 1.52
C ASP A 166 13.32 -28.33 0.35
N PHE A 167 13.29 -29.64 0.13
CA PHE A 167 12.59 -30.25 -0.96
C PHE A 167 11.76 -31.42 -0.42
N GLY A 168 11.30 -31.29 0.83
CA GLY A 168 10.54 -32.35 1.48
C GLY A 168 9.31 -32.81 0.69
N LEU A 169 8.67 -31.88 0.00
CA LEU A 169 7.40 -32.13 -0.65
C LEU A 169 7.55 -32.18 -2.16
N THR A 170 8.76 -32.02 -2.66
CA THR A 170 8.97 -31.88 -4.08
C THR A 170 8.56 -33.20 -4.72
N LYS A 171 7.98 -33.09 -5.91
CA LYS A 171 7.52 -34.22 -6.72
C LYS A 171 8.13 -34.10 -8.12
N VAL A 172 8.19 -35.21 -8.84
CA VAL A 172 8.51 -35.17 -10.28
C VAL A 172 7.19 -35.28 -11.04
N LEU A 173 6.93 -34.37 -11.97
CA LEU A 173 5.69 -34.43 -12.73
C LEU A 173 5.71 -35.71 -13.53
N PRO A 174 4.54 -36.27 -13.85
CA PRO A 174 4.52 -37.39 -14.79
C PRO A 174 4.91 -36.94 -16.17
N GLN A 175 5.39 -37.87 -16.99
CA GLN A 175 6.00 -37.51 -18.28
C GLN A 175 4.95 -36.98 -19.27
N ASP A 176 3.72 -37.49 -19.14
CA ASP A 176 2.60 -37.10 -20.02
C ASP A 176 1.61 -36.08 -19.43
N LYS A 177 1.95 -35.48 -18.28
CA LYS A 177 0.99 -34.66 -17.51
C LYS A 177 1.68 -33.41 -16.95
N GLU A 178 0.92 -32.35 -16.69
CA GLU A 178 1.52 -31.14 -16.14
C GLU A 178 1.06 -30.82 -14.73
N PTR A 179 0.55 -31.83 -14.02
CA PTR A 179 0.17 -31.70 -12.62
C PTR A 179 0.40 -33.02 -11.89
O PTR A 179 0.30 -34.07 -12.49
CB PTR A 179 -1.27 -31.21 -12.54
CG PTR A 179 -2.26 -32.23 -13.04
CD1 PTR A 179 -2.66 -32.20 -14.37
CD2 PTR A 179 -2.75 -33.23 -12.17
CE1 PTR A 179 -3.56 -33.13 -14.86
CE2 PTR A 179 -3.65 -34.17 -12.67
CZ PTR A 179 -4.07 -34.12 -14.00
OH PTR A 179 -4.95 -35.05 -14.48
P PTR A 179 -6.54 -34.79 -14.55
O1P PTR A 179 -7.05 -34.94 -13.15
O2P PTR A 179 -6.73 -33.40 -15.10
O3P PTR A 179 -6.90 -35.91 -15.48
N PTR A 180 0.72 -32.94 -10.60
CA PTR A 180 0.80 -34.10 -9.69
C PTR A 180 -0.28 -33.97 -8.66
O PTR A 180 -0.36 -32.93 -8.00
CB PTR A 180 2.12 -34.15 -8.93
CG PTR A 180 2.47 -35.60 -8.64
CD1 PTR A 180 1.72 -36.38 -7.77
CD2 PTR A 180 3.55 -36.16 -9.29
CE1 PTR A 180 2.05 -37.73 -7.55
CE2 PTR A 180 3.89 -37.49 -9.05
CZ PTR A 180 3.14 -38.29 -8.19
OH PTR A 180 3.49 -39.62 -7.97
P PTR A 180 3.89 -40.12 -6.49
O1P PTR A 180 4.95 -41.17 -6.66
O2P PTR A 180 2.58 -40.63 -5.93
O3P PTR A 180 4.42 -38.88 -5.79
N LYS A 181 -1.10 -35.00 -8.52
CA LYS A 181 -2.21 -35.04 -7.55
C LYS A 181 -1.80 -35.80 -6.27
N VAL A 182 -2.00 -35.20 -5.12
CA VAL A 182 -1.51 -35.77 -3.86
C VAL A 182 -2.39 -35.38 -2.70
N GLU A 187 -0.88 -32.09 8.08
CA GLU A 187 -0.87 -30.64 7.90
C GLU A 187 -0.25 -30.11 6.61
N SER A 188 -0.97 -29.22 5.94
CA SER A 188 -0.57 -28.55 4.70
C SER A 188 -0.55 -27.04 4.95
N PRO A 189 0.40 -26.29 4.34
CA PRO A 189 0.35 -24.85 4.58
C PRO A 189 -0.68 -24.20 3.69
N ILE A 190 -1.95 -24.28 4.08
CA ILE A 190 -3.07 -23.99 3.20
C ILE A 190 -3.13 -22.52 2.72
N PHE A 191 -2.57 -21.62 3.53
CA PHE A 191 -2.49 -20.18 3.25
C PHE A 191 -1.43 -19.85 2.20
N TRP A 192 -0.59 -20.82 1.84
CA TRP A 192 0.36 -20.65 0.73
C TRP A 192 -0.11 -21.36 -0.54
N TYR A 193 -1.24 -22.09 -0.47
CA TYR A 193 -1.67 -23.00 -1.56
C TYR A 193 -2.61 -22.37 -2.58
N ALA A 194 -2.33 -22.64 -3.86
CA ALA A 194 -3.28 -22.38 -4.94
C ALA A 194 -4.65 -23.03 -4.63
N PRO A 195 -5.73 -22.42 -5.13
CA PRO A 195 -7.06 -22.96 -4.92
C PRO A 195 -7.25 -24.37 -5.47
N GLU A 196 -6.77 -24.62 -6.71
CA GLU A 196 -6.81 -25.95 -7.28
C GLU A 196 -6.02 -26.97 -6.46
N SER A 197 -5.07 -26.52 -5.65
CA SER A 197 -4.33 -27.41 -4.73
C SER A 197 -5.22 -27.73 -3.56
N LEU A 198 -5.89 -26.72 -3.04
CA LEU A 198 -6.86 -26.90 -1.94
C LEU A 198 -8.08 -27.74 -2.32
N THR A 199 -8.59 -27.58 -3.54
CA THR A 199 -9.83 -28.24 -3.92
C THR A 199 -9.67 -29.54 -4.68
N GLU A 200 -8.63 -29.64 -5.51
CA GLU A 200 -8.40 -30.85 -6.25
C GLU A 200 -7.06 -31.51 -5.90
N SER A 201 -6.38 -31.04 -4.85
CA SER A 201 -5.05 -31.56 -4.50
C SER A 201 -4.08 -31.58 -5.70
N LYS A 202 -4.25 -30.65 -6.64
CA LYS A 202 -3.44 -30.62 -7.86
C LYS A 202 -2.27 -29.69 -7.66
N PHE A 203 -1.09 -30.16 -8.07
CA PHE A 203 0.14 -29.42 -7.93
C PHE A 203 0.87 -29.35 -9.23
N SER A 204 1.42 -28.19 -9.51
CA SER A 204 1.96 -27.86 -10.81
C SER A 204 3.02 -26.74 -10.75
N VAL A 205 3.66 -26.46 -11.88
CA VAL A 205 4.51 -25.24 -11.98
C VAL A 205 3.68 -24.01 -11.61
N ALA A 206 2.48 -23.95 -12.16
CA ALA A 206 1.51 -22.95 -11.81
C ALA A 206 1.21 -22.78 -10.31
N SER A 207 1.07 -23.89 -9.59
CA SER A 207 0.77 -23.77 -8.15
C SER A 207 2.04 -23.30 -7.42
N ASP A 208 3.21 -23.63 -7.96
CA ASP A 208 4.46 -23.15 -7.40
C ASP A 208 4.51 -21.63 -7.56
N VAL A 209 3.97 -21.15 -8.68
CA VAL A 209 3.92 -19.72 -8.96
C VAL A 209 2.98 -18.98 -8.01
N TRP A 210 1.80 -19.56 -7.73
CA TRP A 210 0.89 -18.96 -6.76
C TRP A 210 1.63 -18.82 -5.44
N SER A 211 2.27 -19.89 -4.97
CA SER A 211 3.02 -19.85 -3.73
C SER A 211 4.15 -18.82 -3.75
N PHE A 212 4.81 -18.71 -4.90
CA PHE A 212 5.84 -17.70 -5.07
C PHE A 212 5.27 -16.33 -4.83
N GLY A 213 4.05 -16.09 -5.28
CA GLY A 213 3.40 -14.81 -5.01
C GLY A 213 3.29 -14.55 -3.50
N VAL A 214 2.93 -15.57 -2.73
CA VAL A 214 2.86 -15.46 -1.27
C VAL A 214 4.29 -15.20 -0.70
N VAL A 215 5.33 -15.85 -1.24
CA VAL A 215 6.69 -15.53 -0.84
C VAL A 215 6.95 -14.02 -1.07
N LEU A 216 6.51 -13.50 -2.22
CA LEU A 216 6.74 -12.11 -2.51
C LEU A 216 5.98 -11.24 -1.48
N TYR A 217 4.74 -11.59 -1.22
CA TYR A 217 4.02 -10.99 -0.12
C TYR A 217 4.81 -11.02 1.23
N GLU A 218 5.24 -12.18 1.70
CA GLU A 218 6.05 -12.31 2.96
C GLU A 218 7.26 -11.39 2.99
N LEU A 219 8.01 -11.35 1.88
CA LEU A 219 9.23 -10.52 1.78
C LEU A 219 8.94 -9.04 1.99
N PHE A 220 7.90 -8.55 1.30
CA PHE A 220 7.55 -7.16 1.38
C PHE A 220 6.76 -6.75 2.61
N THR A 221 6.26 -7.72 3.40
CA THR A 221 5.78 -7.41 4.77
C THR A 221 6.89 -7.54 5.82
N TYR A 222 8.08 -7.94 5.38
CA TYR A 222 9.23 -8.11 6.29
C TYR A 222 8.90 -9.07 7.42
N ILE A 223 7.96 -9.99 7.16
CA ILE A 223 7.54 -11.00 8.14
C ILE A 223 6.82 -10.42 9.38
N GLU A 224 6.33 -9.19 9.31
CA GLU A 224 5.53 -8.65 10.40
C GLU A 224 4.40 -9.61 10.81
N LYS A 225 4.50 -10.14 12.03
CA LYS A 225 3.66 -11.26 12.46
C LYS A 225 2.20 -10.93 12.27
N SER A 226 1.84 -9.69 12.56
CA SER A 226 0.49 -9.23 12.33
C SER A 226 0.09 -9.15 10.84
N LYS A 227 1.02 -9.41 9.91
CA LYS A 227 0.73 -9.25 8.48
C LYS A 227 0.95 -10.54 7.69
N SER A 228 1.04 -11.67 8.38
CA SER A 228 1.41 -12.93 7.77
C SER A 228 0.18 -13.47 7.02
N PRO A 229 0.41 -14.30 6.00
CA PRO A 229 -0.75 -14.87 5.26
C PRO A 229 -1.87 -15.51 6.14
N PRO A 230 -1.53 -16.36 7.14
CA PRO A 230 -2.53 -16.86 8.11
C PRO A 230 -3.30 -15.75 8.84
N ALA A 231 -2.60 -14.76 9.38
CA ALA A 231 -3.27 -13.66 10.08
C ALA A 231 -4.22 -12.83 9.19
N GLU A 232 -3.77 -12.39 8.02
CA GLU A 232 -4.66 -11.63 7.10
C GLU A 232 -5.80 -12.44 6.52
N PHE A 233 -5.56 -13.69 6.13
CA PHE A 233 -6.61 -14.53 5.56
C PHE A 233 -7.69 -14.86 6.64
N MET A 234 -7.25 -15.25 7.82
CA MET A 234 -8.17 -15.46 8.96
C MET A 234 -8.95 -14.20 9.34
N ARG A 235 -8.32 -13.03 9.20
CA ARG A 235 -9.02 -11.77 9.39
C ARG A 235 -10.14 -11.57 8.36
N MET A 236 -9.85 -11.85 7.10
CA MET A 236 -10.79 -11.63 5.98
C MET A 236 -11.88 -12.69 5.97
N ILE A 237 -11.59 -13.84 6.53
CA ILE A 237 -12.61 -14.85 6.72
C ILE A 237 -13.71 -14.38 7.70
N GLY A 238 -13.37 -13.51 8.64
CA GLY A 238 -14.31 -13.03 9.65
C GLY A 238 -13.99 -13.54 11.04
N SER A 245 -15.25 -25.07 8.93
CA SER A 245 -13.93 -25.51 8.48
C SER A 245 -13.15 -24.37 7.85
N ILE A 246 -12.02 -24.01 8.46
CA ILE A 246 -11.18 -22.93 7.96
C ILE A 246 -10.87 -23.12 6.47
N VAL A 247 -10.42 -24.33 6.12
CA VAL A 247 -10.08 -24.65 4.74
C VAL A 247 -11.19 -24.20 3.79
N THR A 248 -12.40 -24.64 4.05
CA THR A 248 -13.55 -24.29 3.21
C THR A 248 -13.69 -22.78 3.10
N HIS A 249 -13.67 -22.09 4.23
CA HIS A 249 -13.80 -20.62 4.25
C HIS A 249 -12.76 -20.01 3.31
N LEU A 250 -11.56 -20.60 3.27
CA LEU A 250 -10.46 -20.12 2.47
C LEU A 250 -10.79 -20.29 0.99
N ILE A 251 -11.21 -21.48 0.63
CA ILE A 251 -11.65 -21.79 -0.75
C ILE A 251 -12.70 -20.77 -1.22
N GLU A 252 -13.73 -20.53 -0.42
CA GLU A 252 -14.79 -19.60 -0.76
C GLU A 252 -14.27 -18.18 -0.97
N LEU A 253 -13.45 -17.73 -0.02
CA LEU A 253 -12.74 -16.45 -0.10
C LEU A 253 -11.93 -16.34 -1.39
N LEU A 254 -11.07 -17.32 -1.68
CA LEU A 254 -10.23 -17.25 -2.90
C LEU A 254 -11.07 -17.19 -4.18
N LYS A 255 -12.22 -17.85 -4.14
CA LYS A 255 -13.11 -17.95 -5.30
C LYS A 255 -13.87 -16.66 -5.57
N ASN A 256 -14.21 -15.92 -4.51
CA ASN A 256 -14.76 -14.56 -4.63
C ASN A 256 -13.69 -13.45 -4.76
N ASN A 257 -12.49 -13.84 -5.17
CA ASN A 257 -11.39 -12.92 -5.51
C ASN A 257 -10.83 -12.17 -4.32
N GLY A 258 -11.02 -12.71 -3.12
CA GLY A 258 -10.41 -12.15 -1.93
C GLY A 258 -8.93 -12.44 -2.00
N ARG A 259 -8.11 -11.45 -1.68
CA ARG A 259 -6.66 -11.61 -1.76
C ARG A 259 -6.00 -10.88 -0.63
N LEU A 260 -4.78 -11.31 -0.33
CA LEU A 260 -3.91 -10.59 0.57
C LEU A 260 -3.72 -9.15 0.06
N PRO A 261 -3.84 -8.16 0.97
CA PRO A 261 -3.74 -6.76 0.56
C PRO A 261 -2.31 -6.38 0.15
N ARG A 262 -2.13 -5.22 -0.47
CA ARG A 262 -0.77 -4.73 -0.82
C ARG A 262 0.01 -4.38 0.46
N PRO A 263 1.23 -4.90 0.63
CA PRO A 263 1.93 -4.49 1.85
C PRO A 263 2.19 -2.99 1.95
N ASP A 264 2.05 -2.45 3.17
CA ASP A 264 2.41 -1.04 3.47
C ASP A 264 3.76 -0.75 2.81
N GLY A 265 3.77 0.18 1.85
CA GLY A 265 5.01 0.65 1.18
C GLY A 265 5.44 -0.11 -0.06
N CYS A 266 4.65 -1.10 -0.43
CA CYS A 266 4.99 -1.95 -1.53
C CYS A 266 4.74 -1.20 -2.84
N PRO A 267 5.70 -1.26 -3.78
CA PRO A 267 5.38 -0.60 -5.05
C PRO A 267 4.29 -1.34 -5.80
N ASP A 268 3.57 -0.61 -6.65
CA ASP A 268 2.41 -1.12 -7.36
C ASP A 268 2.84 -2.19 -8.32
N GLU A 269 4.03 -2.06 -8.92
CA GLU A 269 4.50 -3.11 -9.86
C GLU A 269 4.83 -4.43 -9.15
N ILE A 270 5.25 -4.39 -7.88
CA ILE A 270 5.53 -5.63 -7.14
C ILE A 270 4.24 -6.29 -6.71
N TYR A 271 3.27 -5.48 -6.30
CA TYR A 271 1.94 -5.97 -5.95
C TYR A 271 1.22 -6.57 -7.15
N MET A 272 1.36 -5.95 -8.31
CA MET A 272 0.76 -6.46 -9.54
C MET A 272 1.32 -7.86 -9.93
N ILE A 273 2.63 -8.05 -9.75
CA ILE A 273 3.22 -9.38 -9.90
C ILE A 273 2.54 -10.37 -8.94
N MET A 274 2.38 -9.98 -7.68
CA MET A 274 1.63 -10.82 -6.72
C MET A 274 0.24 -11.17 -7.24
N THR A 275 -0.54 -10.18 -7.69
CA THR A 275 -1.97 -10.45 -8.04
C THR A 275 -2.06 -11.32 -9.32
N GLU A 276 -1.17 -11.11 -10.30
CA GLU A 276 -1.01 -12.06 -11.42
C GLU A 276 -0.57 -13.49 -11.00
N CYS A 277 0.23 -13.61 -9.94
CA CYS A 277 0.53 -14.99 -9.44
C CYS A 277 -0.70 -15.66 -8.83
N TRP A 278 -1.60 -14.84 -8.30
CA TRP A 278 -2.76 -15.31 -7.58
C TRP A 278 -3.98 -15.27 -8.46
N ASN A 279 -3.77 -15.47 -9.74
CA ASN A 279 -4.84 -15.62 -10.65
C ASN A 279 -5.50 -16.97 -10.45
N ASN A 280 -6.83 -17.00 -10.35
CA ASN A 280 -7.55 -18.27 -10.18
C ASN A 280 -7.33 -19.19 -11.35
N ASN A 281 -7.18 -18.64 -12.53
CA ASN A 281 -6.89 -19.51 -13.69
C ASN A 281 -5.40 -19.83 -13.83
N VAL A 282 -5.08 -21.10 -13.70
CA VAL A 282 -3.74 -21.60 -13.83
C VAL A 282 -3.04 -21.10 -15.12
N ASN A 283 -3.79 -21.02 -16.23
CA ASN A 283 -3.21 -20.69 -17.52
C ASN A 283 -2.84 -19.22 -17.68
N GLN A 284 -3.35 -18.36 -16.80
CA GLN A 284 -3.08 -16.92 -16.86
C GLN A 284 -1.95 -16.50 -15.93
N ARG A 285 -1.44 -17.44 -15.13
CA ARG A 285 -0.33 -17.16 -14.23
C ARG A 285 0.96 -17.09 -15.01
N PRO A 286 1.89 -16.19 -14.59
CA PRO A 286 3.13 -15.94 -15.36
C PRO A 286 4.09 -17.04 -15.18
N SER A 287 5.06 -17.11 -16.08
CA SER A 287 6.11 -18.10 -15.99
C SER A 287 7.17 -17.55 -15.10
N PHE A 288 8.03 -18.44 -14.59
CA PHE A 288 9.17 -18.04 -13.74
C PHE A 288 10.25 -17.32 -14.51
N ARG A 289 10.45 -17.69 -15.76
CA ARG A 289 11.38 -16.96 -16.61
C ARG A 289 10.90 -15.50 -16.77
N ASP A 290 9.60 -15.31 -16.95
CA ASP A 290 9.03 -13.96 -16.98
C ASP A 290 9.10 -13.21 -15.67
N LEU A 291 8.92 -13.93 -14.58
CA LEU A 291 8.99 -13.32 -13.27
C LEU A 291 10.40 -12.82 -13.00
N ALA A 292 11.43 -13.61 -13.32
CA ALA A 292 12.82 -13.19 -12.99
C ALA A 292 13.19 -11.97 -13.78
N LEU A 293 12.64 -11.93 -14.97
CA LEU A 293 12.86 -10.89 -15.90
C LEU A 293 12.26 -9.57 -15.39
N ARG A 294 10.95 -9.57 -15.16
CA ARG A 294 10.27 -8.37 -14.70
C ARG A 294 10.89 -7.90 -13.40
N VAL A 295 11.19 -8.84 -12.51
CA VAL A 295 11.75 -8.51 -11.19
C VAL A 295 13.12 -7.89 -11.33
N ASP A 296 13.97 -8.46 -12.19
CA ASP A 296 15.27 -7.84 -12.51
C ASP A 296 15.08 -6.41 -13.07
N GLN A 297 14.09 -6.19 -13.91
CA GLN A 297 13.92 -4.85 -14.48
C GLN A 297 13.38 -3.82 -13.50
N VAL A 298 12.61 -4.28 -12.52
CA VAL A 298 12.07 -3.39 -11.49
C VAL A 298 13.19 -3.02 -10.47
N ARG A 299 14.01 -4.00 -10.12
CA ARG A 299 15.20 -3.76 -9.31
C ARG A 299 16.21 -2.80 -9.96
N ASP A 300 16.48 -2.99 -11.26
CA ASP A 300 17.35 -2.09 -12.03
C ASP A 300 16.83 -0.64 -12.14
N ASN A 301 15.51 -0.47 -12.22
CA ASN A 301 14.86 0.85 -12.23
C ASN A 301 14.87 1.62 -10.88
N MET A 302 15.06 0.92 -9.75
CA MET A 302 15.19 1.53 -8.41
C MET A 302 16.62 1.89 -8.05
N ALA A 303 17.57 1.37 -8.83
CA ALA A 303 18.96 1.56 -8.49
C ALA A 303 19.13 3.05 -8.78
N GLY A 304 19.42 3.82 -7.73
CA GLY A 304 19.55 5.29 -7.85
C GLY A 304 20.01 5.99 -6.59
N GLN B 15 -28.21 43.18 -4.86
CA GLN B 15 -29.54 43.78 -4.46
C GLN B 15 -30.62 42.73 -4.26
N PHE B 16 -30.59 41.99 -3.16
CA PHE B 16 -31.55 40.89 -2.93
C PHE B 16 -32.43 41.19 -1.72
N GLU B 17 -33.73 40.93 -1.84
CA GLU B 17 -34.67 41.11 -0.73
C GLU B 17 -35.07 39.77 -0.12
N GLU B 18 -34.90 39.58 1.19
CA GLU B 18 -35.19 38.27 1.79
C GLU B 18 -36.55 37.75 1.35
N ARG B 19 -37.51 38.67 1.33
CA ARG B 19 -38.89 38.42 0.97
C ARG B 19 -39.04 37.40 -0.17
N HIS B 20 -38.23 37.52 -1.22
CA HIS B 20 -38.37 36.71 -2.43
C HIS B 20 -37.47 35.48 -2.49
N LEU B 21 -36.93 35.04 -1.38
CA LEU B 21 -35.98 33.93 -1.38
C LEU B 21 -36.73 32.67 -1.00
N LYS B 22 -36.89 31.78 -1.99
CA LYS B 22 -37.71 30.57 -1.79
C LYS B 22 -36.82 29.35 -1.58
N PHE B 23 -37.06 28.67 -0.47
CA PHE B 23 -36.30 27.51 -0.07
C PHE B 23 -36.66 26.34 -0.96
N LEU B 24 -35.67 25.80 -1.67
CA LEU B 24 -35.82 24.56 -2.43
C LEU B 24 -35.21 23.37 -1.67
N GLN B 25 -33.92 23.42 -1.34
CA GLN B 25 -33.28 22.27 -0.64
C GLN B 25 -32.01 22.59 0.13
N GLN B 26 -31.82 21.85 1.22
CA GLN B 26 -30.66 21.98 2.11
C GLN B 26 -29.42 21.40 1.44
N LEU B 27 -28.34 22.17 1.34
CA LEU B 27 -27.13 21.66 0.68
C LEU B 27 -26.05 21.29 1.67
N GLY B 28 -26.16 21.84 2.85
CA GLY B 28 -25.31 21.40 3.93
C GLY B 28 -25.78 22.05 5.18
N LYS B 29 -25.50 21.39 6.29
CA LYS B 29 -25.79 22.00 7.57
C LYS B 29 -24.58 21.79 8.44
N GLY B 30 -24.32 22.79 9.28
CA GLY B 30 -23.31 22.68 10.31
C GLY B 30 -23.75 23.17 11.68
N ASN B 31 -22.75 23.26 12.53
CA ASN B 31 -22.89 23.69 13.88
C ASN B 31 -23.36 25.13 14.09
N PHE B 32 -22.93 26.08 13.26
CA PHE B 32 -23.38 27.47 13.43
C PHE B 32 -23.94 28.07 12.14
N GLY B 33 -24.55 27.26 11.28
CA GLY B 33 -25.06 27.77 10.01
C GLY B 33 -25.41 26.72 8.98
N SER B 34 -25.78 27.17 7.77
CA SER B 34 -26.14 26.27 6.67
C SER B 34 -26.03 26.92 5.29
N VAL B 35 -26.02 26.04 4.28
CA VAL B 35 -26.00 26.36 2.88
C VAL B 35 -27.21 25.64 2.27
N GLU B 36 -27.94 26.42 1.48
CA GLU B 36 -29.26 26.08 1.00
C GLU B 36 -29.40 26.47 -0.47
N MET B 37 -30.17 25.71 -1.22
CA MET B 37 -30.48 26.01 -2.60
C MET B 37 -31.81 26.69 -2.54
N CYS B 38 -31.83 27.92 -3.05
CA CYS B 38 -33.03 28.75 -3.09
C CYS B 38 -33.33 29.23 -4.51
N ARG B 39 -34.53 29.78 -4.69
CA ARG B 39 -34.85 30.50 -5.90
C ARG B 39 -35.11 31.92 -5.48
N TYR B 40 -34.48 32.87 -6.16
CA TYR B 40 -34.79 34.28 -5.96
C TYR B 40 -35.88 34.63 -6.98
N ASP B 41 -37.09 34.88 -6.50
CA ASP B 41 -38.28 35.05 -7.39
C ASP B 41 -39.07 36.36 -7.18
N PRO B 42 -38.48 37.50 -7.55
CA PRO B 42 -39.24 38.75 -7.41
C PRO B 42 -40.59 38.76 -8.16
N LEU B 43 -40.70 37.96 -9.22
CA LEU B 43 -41.94 37.89 -10.00
C LEU B 43 -42.96 36.89 -9.42
N ASN B 46 -42.58 32.50 -10.08
CA ASN B 46 -42.38 31.25 -10.82
C ASN B 46 -40.98 31.01 -11.46
N THR B 47 -40.27 32.06 -11.89
CA THR B 47 -39.11 31.91 -12.85
C THR B 47 -37.68 32.33 -12.48
N GLY B 48 -37.51 33.14 -11.46
CA GLY B 48 -36.17 33.62 -11.05
C GLY B 48 -35.12 32.51 -10.86
N GLU B 49 -33.86 32.90 -10.87
CA GLU B 49 -32.79 31.90 -10.96
C GLU B 49 -32.54 31.16 -9.64
N VAL B 50 -31.95 29.98 -9.75
CA VAL B 50 -31.68 29.12 -8.62
C VAL B 50 -30.32 29.59 -8.08
N VAL B 51 -30.26 29.86 -6.78
CA VAL B 51 -29.03 30.40 -6.17
C VAL B 51 -28.70 29.59 -4.94
N ALA B 52 -27.44 29.67 -4.49
CA ALA B 52 -26.98 29.01 -3.26
C ALA B 52 -26.76 30.07 -2.18
N VAL B 53 -27.40 29.86 -1.04
CA VAL B 53 -27.55 30.88 0.00
C VAL B 53 -26.94 30.32 1.26
N LYS B 54 -25.95 31.01 1.80
CA LYS B 54 -25.30 30.66 3.09
C LYS B 54 -25.76 31.58 4.22
N LYS B 55 -26.23 31.00 5.32
CA LYS B 55 -26.69 31.75 6.50
C LYS B 55 -26.14 31.20 7.81
N LEU B 56 -26.20 32.03 8.84
CA LEU B 56 -25.76 31.72 10.20
C LEU B 56 -26.97 31.32 10.98
N GLN B 57 -26.78 30.42 11.94
CA GLN B 57 -27.92 29.74 12.54
C GLN B 57 -28.04 30.01 14.02
N HIS B 58 -27.32 31.03 14.49
CA HIS B 58 -27.48 31.53 15.87
C HIS B 58 -26.51 32.68 16.21
N HIS B 63 -19.00 35.89 15.24
CA HIS B 63 -19.42 35.02 14.13
C HIS B 63 -19.86 35.86 12.98
N LEU B 64 -20.80 36.78 13.28
CA LEU B 64 -21.33 37.66 12.28
C LEU B 64 -20.20 38.57 11.73
N ARG B 65 -19.34 39.07 12.63
CA ARG B 65 -18.24 39.92 12.19
C ARG B 65 -17.39 39.11 11.24
N ASP B 66 -17.12 37.85 11.61
CA ASP B 66 -16.39 36.96 10.70
C ASP B 66 -17.12 36.66 9.38
N PHE B 67 -18.44 36.66 9.40
CA PHE B 67 -19.21 36.36 8.18
C PHE B 67 -19.14 37.55 7.25
N GLU B 68 -19.15 38.75 7.82
CA GLU B 68 -18.92 39.98 7.02
C GLU B 68 -17.53 40.06 6.34
N ARG B 69 -16.50 39.58 7.02
CA ARG B 69 -15.20 39.50 6.41
C ARG B 69 -15.14 38.40 5.33
N GLU B 70 -15.81 37.28 5.57
CA GLU B 70 -15.90 36.20 4.60
C GLU B 70 -16.57 36.65 3.31
N ILE B 71 -17.68 37.35 3.42
CA ILE B 71 -18.40 37.85 2.23
C ILE B 71 -17.54 38.83 1.42
N GLU B 72 -16.76 39.64 2.13
CA GLU B 72 -15.92 40.60 1.48
C GLU B 72 -14.74 39.91 0.82
N ILE B 73 -14.20 38.86 1.45
CA ILE B 73 -13.19 38.05 0.77
C ILE B 73 -13.76 37.44 -0.52
N LEU B 74 -14.91 36.78 -0.41
CA LEU B 74 -15.46 36.09 -1.57
C LEU B 74 -15.84 37.08 -2.69
N LYS B 75 -16.26 38.27 -2.29
CA LYS B 75 -16.61 39.33 -3.22
C LYS B 75 -15.39 39.92 -3.94
N SER B 76 -14.28 40.02 -3.23
CA SER B 76 -13.05 40.54 -3.82
C SER B 76 -12.45 39.54 -4.81
N LEU B 77 -12.80 38.26 -4.69
CA LEU B 77 -12.31 37.23 -5.59
C LEU B 77 -13.13 37.09 -6.86
N GLN B 78 -12.42 37.03 -7.99
CA GLN B 78 -12.99 36.85 -9.33
C GLN B 78 -12.04 36.00 -10.20
N HIS B 79 -12.35 34.69 -10.28
CA HIS B 79 -11.47 33.68 -10.86
C HIS B 79 -12.31 32.52 -11.37
N ASP B 80 -11.89 31.88 -12.46
CA ASP B 80 -12.66 30.79 -13.03
C ASP B 80 -12.86 29.65 -12.08
N ASN B 81 -11.93 29.51 -11.13
CA ASN B 81 -11.91 28.37 -10.27
C ASN B 81 -12.25 28.75 -8.83
N ILE B 82 -12.87 29.91 -8.67
CA ILE B 82 -13.43 30.32 -7.38
C ILE B 82 -14.92 30.58 -7.56
N VAL B 83 -15.75 30.07 -6.65
CA VAL B 83 -17.23 30.19 -6.77
C VAL B 83 -17.65 31.66 -6.79
N LYS B 84 -18.62 32.00 -7.65
CA LYS B 84 -19.03 33.39 -7.86
C LYS B 84 -19.95 33.91 -6.79
N TYR B 85 -19.55 35.05 -6.30
CA TYR B 85 -20.38 35.86 -5.44
C TYR B 85 -21.55 36.47 -6.23
N LYS B 86 -22.76 36.44 -5.68
CA LYS B 86 -23.90 37.15 -6.33
C LYS B 86 -24.36 38.35 -5.49
N GLY B 87 -24.48 38.18 -4.20
CA GLY B 87 -24.87 39.32 -3.37
C GLY B 87 -25.09 38.91 -1.95
N VAL B 88 -25.68 39.85 -1.19
CA VAL B 88 -26.11 39.61 0.19
C VAL B 88 -27.59 39.94 0.33
N CYS B 89 -28.08 39.52 1.45
CA CYS B 89 -29.43 39.65 1.80
C CYS B 89 -29.37 40.09 3.26
N TYR B 90 -30.19 41.04 3.59
CA TYR B 90 -30.19 41.72 4.86
C TYR B 90 -31.54 42.07 5.48
N ARG B 95 -27.92 42.73 9.57
CA ARG B 95 -28.32 41.53 10.31
C ARG B 95 -29.19 40.45 9.56
N ASN B 96 -29.40 39.25 10.15
CA ASN B 96 -30.14 38.15 9.47
C ASN B 96 -29.42 37.99 8.11
N LEU B 97 -28.10 38.06 8.11
CA LEU B 97 -27.25 38.26 6.94
C LEU B 97 -27.09 36.97 6.13
N LYS B 98 -27.25 37.04 4.81
CA LYS B 98 -27.16 35.84 3.99
C LYS B 98 -26.23 36.15 2.84
N LEU B 99 -25.34 35.22 2.55
CA LEU B 99 -24.48 35.26 1.37
C LEU B 99 -25.13 34.52 0.20
N ILE B 100 -25.26 35.20 -0.92
CA ILE B 100 -25.86 34.60 -2.09
C ILE B 100 -24.74 34.31 -3.09
N MET B 101 -24.68 33.04 -3.51
CA MET B 101 -23.67 32.57 -4.45
C MET B 101 -24.33 31.87 -5.63
N GLU B 102 -23.54 31.62 -6.67
CA GLU B 102 -24.00 30.81 -7.77
C GLU B 102 -24.19 29.42 -7.25
N TYR B 103 -25.23 28.76 -7.73
CA TYR B 103 -25.51 27.35 -7.42
C TYR B 103 -24.95 26.38 -8.48
N LEU B 104 -24.07 25.46 -8.07
CA LEU B 104 -23.46 24.53 -9.01
C LEU B 104 -24.06 23.16 -8.78
N PRO B 105 -24.95 22.76 -9.70
CA PRO B 105 -25.84 21.59 -9.53
C PRO B 105 -25.09 20.29 -9.42
N TYR B 106 -23.92 20.20 -10.01
CA TYR B 106 -23.15 18.97 -9.96
C TYR B 106 -22.67 18.66 -8.56
N GLY B 107 -22.50 19.69 -7.73
CA GLY B 107 -22.26 19.45 -6.31
C GLY B 107 -20.79 19.46 -5.95
N SER B 108 -20.46 18.95 -4.78
CA SER B 108 -19.08 18.96 -4.29
C SER B 108 -18.26 17.88 -4.97
N LEU B 109 -16.97 18.10 -5.06
CA LEU B 109 -16.09 17.11 -5.69
C LEU B 109 -16.11 15.78 -4.92
N ARG B 110 -16.16 15.90 -3.59
CA ARG B 110 -16.12 14.76 -2.71
C ARG B 110 -17.13 13.77 -3.18
N ASP B 111 -18.37 14.24 -3.35
CA ASP B 111 -19.48 13.34 -3.69
C ASP B 111 -19.26 12.89 -5.13
N TYR B 112 -19.01 13.84 -6.02
CA TYR B 112 -18.83 13.63 -7.47
C TYR B 112 -17.81 12.54 -7.78
N LEU B 113 -16.64 12.63 -7.17
CA LEU B 113 -15.61 11.60 -7.27
C LEU B 113 -16.04 10.25 -6.68
N GLN B 114 -16.77 10.29 -5.58
CA GLN B 114 -17.34 9.08 -4.93
C GLN B 114 -18.40 8.43 -5.79
N LYS B 115 -19.08 9.26 -6.56
CA LYS B 115 -20.10 8.84 -7.51
C LYS B 115 -19.57 8.39 -8.87
N HIS B 116 -18.63 9.12 -9.46
CA HIS B 116 -18.17 8.83 -10.83
C HIS B 116 -16.80 8.18 -10.92
N LYS B 117 -16.29 7.64 -9.81
CA LYS B 117 -14.93 7.10 -9.80
C LYS B 117 -14.56 6.26 -11.05
N GLU B 118 -15.54 5.56 -11.61
CA GLU B 118 -15.33 4.68 -12.76
C GLU B 118 -15.15 5.39 -14.11
N ARG B 119 -15.56 6.65 -14.20
CA ARG B 119 -15.32 7.45 -15.40
C ARG B 119 -14.17 8.42 -15.20
N ILE B 120 -13.59 8.45 -14.01
CA ILE B 120 -12.62 9.50 -13.68
C ILE B 120 -11.24 8.91 -13.59
N ASP B 121 -10.40 9.23 -14.57
CA ASP B 121 -9.03 8.70 -14.60
C ASP B 121 -8.02 9.67 -13.97
N HIS B 122 -6.75 9.31 -13.99
CA HIS B 122 -5.71 10.16 -13.40
C HIS B 122 -5.55 11.52 -14.11
N ILE B 123 -5.49 11.50 -15.44
CA ILE B 123 -5.53 12.74 -16.24
C ILE B 123 -6.59 13.67 -15.65
N LYS B 124 -7.81 13.14 -15.48
CA LYS B 124 -8.94 13.89 -14.90
C LYS B 124 -8.62 14.40 -13.49
N LEU B 125 -8.09 13.52 -12.64
CA LEU B 125 -7.65 13.95 -11.28
C LEU B 125 -6.67 15.10 -11.31
N LEU B 126 -5.80 15.11 -12.32
CA LEU B 126 -4.76 16.10 -12.38
C LEU B 126 -5.25 17.45 -12.90
N GLN B 127 -6.27 17.41 -13.73
CA GLN B 127 -6.91 18.63 -14.12
C GLN B 127 -7.53 19.34 -12.93
N TYR B 128 -8.32 18.60 -12.14
CA TYR B 128 -8.89 19.12 -10.89
C TYR B 128 -7.82 19.70 -9.98
N THR B 129 -6.72 18.96 -9.79
CA THR B 129 -5.62 19.41 -8.92
C THR B 129 -5.01 20.71 -9.42
N SER B 130 -4.86 20.84 -10.73
CA SER B 130 -4.17 21.98 -11.29
C SER B 130 -5.01 23.20 -11.09
N GLN B 131 -6.33 23.02 -11.18
CA GLN B 131 -7.32 24.11 -11.03
C GLN B 131 -7.49 24.59 -9.60
N ILE B 132 -7.42 23.66 -8.68
CA ILE B 132 -7.29 24.00 -7.27
C ILE B 132 -6.01 24.81 -6.97
N CYS B 133 -4.85 24.41 -7.48
CA CYS B 133 -3.62 25.22 -7.34
C CYS B 133 -3.72 26.65 -7.97
N LYS B 134 -4.34 26.76 -9.13
CA LYS B 134 -4.55 28.07 -9.78
C LYS B 134 -5.41 28.98 -8.93
N GLY B 135 -6.40 28.40 -8.25
CA GLY B 135 -7.26 29.14 -7.35
C GLY B 135 -6.49 29.53 -6.14
N MET B 136 -5.69 28.60 -5.59
CA MET B 136 -4.90 28.87 -4.38
C MET B 136 -3.76 29.84 -4.60
N GLU B 137 -3.12 29.75 -5.78
CA GLU B 137 -2.11 30.72 -6.19
C GLU B 137 -2.76 32.11 -6.28
N TYR B 138 -3.93 32.18 -6.92
CA TYR B 138 -4.74 33.42 -6.97
C TYR B 138 -5.12 33.97 -5.60
N LEU B 139 -5.51 33.08 -4.68
CA LEU B 139 -5.69 33.44 -3.26
C LEU B 139 -4.46 34.08 -2.63
N GLY B 140 -3.30 33.43 -2.79
CA GLY B 140 -1.98 33.97 -2.41
C GLY B 140 -1.66 35.40 -2.84
N THR B 141 -2.12 35.80 -4.02
CA THR B 141 -1.88 37.16 -4.50
C THR B 141 -2.63 38.23 -3.71
N LYS B 142 -3.69 37.85 -3.01
CA LYS B 142 -4.41 38.80 -2.17
C LYS B 142 -4.07 38.61 -0.70
N ARG B 143 -2.95 37.93 -0.46
CA ARG B 143 -2.56 37.45 0.85
C ARG B 143 -3.69 36.76 1.66
N TYR B 144 -4.47 35.87 1.02
CA TYR B 144 -5.58 35.16 1.69
C TYR B 144 -5.14 33.75 2.04
N ILE B 145 -5.51 33.31 3.24
CA ILE B 145 -5.18 31.97 3.70
C ILE B 145 -6.50 31.23 3.82
N HIS B 146 -6.66 30.14 3.05
CA HIS B 146 -7.94 29.52 2.91
C HIS B 146 -8.28 28.75 4.18
N ARG B 147 -7.30 28.04 4.75
CA ARG B 147 -7.43 27.33 6.05
C ARG B 147 -8.31 26.05 6.09
N ASP B 148 -9.10 25.76 5.07
CA ASP B 148 -10.02 24.61 5.15
C ASP B 148 -10.01 23.85 3.84
N LEU B 149 -8.83 23.79 3.23
CA LEU B 149 -8.69 23.22 1.93
C LEU B 149 -8.97 21.73 2.02
N ALA B 150 -10.06 21.32 1.39
CA ALA B 150 -10.50 19.93 1.41
C ALA B 150 -11.47 19.73 0.28
N THR B 151 -11.61 18.48 -0.11
CA THR B 151 -12.40 18.07 -1.26
C THR B 151 -13.95 18.34 -0.98
N ARG B 152 -14.37 18.34 0.29
CA ARG B 152 -15.78 18.76 0.66
C ARG B 152 -16.12 20.21 0.28
N ASN B 153 -15.09 21.06 0.16
CA ASN B 153 -15.26 22.49 -0.16
C ASN B 153 -14.88 22.90 -1.61
N ILE B 154 -14.79 21.90 -2.46
CA ILE B 154 -14.50 22.05 -3.88
C ILE B 154 -15.80 21.73 -4.59
N LEU B 155 -16.21 22.61 -5.50
CA LEU B 155 -17.41 22.39 -6.33
C LEU B 155 -17.05 22.01 -7.75
N VAL B 156 -17.96 21.29 -8.41
CA VAL B 156 -17.83 20.89 -9.85
C VAL B 156 -18.75 21.78 -10.72
N GLU B 157 -18.20 22.61 -11.61
CA GLU B 157 -19.07 23.36 -12.56
C GLU B 157 -19.47 22.49 -13.75
N ASN B 158 -18.48 21.81 -14.32
CA ASN B 158 -18.69 20.77 -15.35
C ASN B 158 -17.66 19.64 -15.20
N GLU B 159 -17.75 18.62 -16.04
CA GLU B 159 -16.81 17.49 -15.92
C GLU B 159 -15.34 17.89 -16.13
N ASN B 160 -15.11 19.02 -16.79
CA ASN B 160 -13.76 19.60 -16.95
C ASN B 160 -13.47 20.92 -16.13
N ARG B 161 -14.29 21.23 -15.12
CA ARG B 161 -13.94 22.39 -14.28
C ARG B 161 -14.43 22.27 -12.85
N VAL B 162 -13.52 22.48 -11.89
CA VAL B 162 -13.89 22.61 -10.48
C VAL B 162 -13.65 24.05 -9.99
N LYS B 163 -14.22 24.35 -8.82
CA LYS B 163 -14.10 25.65 -8.11
C LYS B 163 -13.98 25.50 -6.58
N ILE B 164 -13.25 26.41 -5.97
CA ILE B 164 -13.17 26.48 -4.53
C ILE B 164 -14.50 27.14 -4.15
N GLY B 165 -15.32 26.39 -3.42
CA GLY B 165 -16.70 26.77 -3.14
C GLY B 165 -17.05 27.15 -1.71
N ASP B 166 -16.08 27.24 -0.80
CA ASP B 166 -16.33 27.74 0.57
C ASP B 166 -15.14 28.52 1.09
N PHE B 167 -15.39 29.62 1.81
CA PHE B 167 -14.32 30.47 2.33
C PHE B 167 -14.58 30.93 3.76
N GLY B 168 -15.06 30.01 4.60
CA GLY B 168 -15.57 30.34 5.93
C GLY B 168 -14.53 30.37 7.02
N LEU B 169 -13.36 29.80 6.77
CA LEU B 169 -12.21 29.90 7.67
C LEU B 169 -11.10 30.80 7.14
N THR B 170 -11.27 31.29 5.90
CA THR B 170 -10.30 32.14 5.19
C THR B 170 -9.97 33.46 5.94
N LYS B 171 -8.68 33.76 6.03
CA LYS B 171 -8.18 34.94 6.76
C LYS B 171 -7.35 35.79 5.82
N VAL B 172 -7.21 37.06 6.13
CA VAL B 172 -6.30 37.95 5.39
C VAL B 172 -5.05 38.06 6.23
N LEU B 173 -3.87 37.82 5.67
CA LEU B 173 -2.64 38.03 6.46
C LEU B 173 -2.46 39.47 6.97
N PRO B 174 -1.92 39.66 8.19
CA PRO B 174 -1.66 41.02 8.58
C PRO B 174 -0.61 41.57 7.66
N GLN B 175 -0.57 42.89 7.50
CA GLN B 175 0.35 43.59 6.57
C GLN B 175 1.79 43.15 6.73
N ASP B 176 2.17 42.99 7.99
CA ASP B 176 3.54 42.80 8.43
C ASP B 176 3.94 41.36 8.78
N LYS B 177 3.12 40.37 8.41
CA LYS B 177 3.29 39.00 8.90
C LYS B 177 2.95 37.98 7.81
N GLU B 178 3.53 36.79 7.92
CA GLU B 178 3.33 35.71 6.98
C GLU B 178 2.60 34.57 7.62
N PTR B 179 1.93 34.85 8.72
CA PTR B 179 1.04 33.88 9.33
C PTR B 179 -0.06 34.62 10.06
O PTR B 179 0.05 35.82 10.27
CB PTR B 179 1.88 32.91 10.18
CG PTR B 179 2.43 33.73 11.30
CD1 PTR B 179 3.67 34.36 11.16
CD2 PTR B 179 1.66 33.88 12.46
CE1 PTR B 179 4.14 35.15 12.22
CE2 PTR B 179 2.13 34.66 13.50
CZ PTR B 179 3.36 35.28 13.38
OH PTR B 179 3.78 36.04 14.43
P PTR B 179 4.82 35.43 15.49
O1P PTR B 179 6.16 36.06 15.10
O2P PTR B 179 4.11 35.93 16.74
O3P PTR B 179 4.86 33.93 15.35
N PTR B 180 -1.11 33.89 10.40
CA PTR B 180 -2.28 34.39 11.13
C PTR B 180 -2.50 33.37 12.22
O PTR B 180 -2.57 32.18 11.91
CB PTR B 180 -3.53 34.45 10.24
CG PTR B 180 -4.50 35.51 10.74
CD1 PTR B 180 -5.29 35.28 11.86
CD2 PTR B 180 -4.58 36.71 10.09
CE1 PTR B 180 -6.14 36.29 12.33
CE2 PTR B 180 -5.43 37.71 10.55
CZ PTR B 180 -6.23 37.50 11.65
OH PTR B 180 -7.02 38.55 12.06
P PTR B 180 -8.49 38.52 12.68
O1P PTR B 180 -8.59 37.36 13.64
O2P PTR B 180 -8.54 39.87 13.35
O3P PTR B 180 -9.34 38.37 11.43
N LYS B 181 -2.59 33.81 13.47
CA LYS B 181 -2.95 32.94 14.61
C LYS B 181 -4.47 32.99 14.92
N VAL B 182 -5.05 31.81 15.14
CA VAL B 182 -6.47 31.73 15.47
C VAL B 182 -6.74 30.49 16.31
N GLY B 186 -15.00 25.80 18.35
CA GLY B 186 -15.64 24.70 17.63
C GLY B 186 -14.64 23.60 17.31
N GLU B 187 -14.97 22.82 16.30
CA GLU B 187 -14.09 21.76 15.81
C GLU B 187 -13.22 22.25 14.65
N SER B 188 -12.12 21.54 14.45
CA SER B 188 -11.21 21.80 13.34
C SER B 188 -11.10 20.51 12.55
N PRO B 189 -10.80 20.60 11.25
CA PRO B 189 -10.43 19.41 10.49
C PRO B 189 -8.98 19.05 10.79
N ILE B 190 -8.74 18.53 11.98
CA ILE B 190 -7.37 18.30 12.38
C ILE B 190 -6.60 17.41 11.40
N PHE B 191 -7.30 16.56 10.65
CA PHE B 191 -6.59 15.61 9.82
C PHE B 191 -6.25 16.22 8.46
N TRP B 192 -6.53 17.52 8.30
CA TRP B 192 -6.01 18.30 7.23
C TRP B 192 -4.96 19.34 7.66
N TYR B 193 -4.74 19.54 8.97
CA TYR B 193 -3.90 20.68 9.42
C TYR B 193 -2.39 20.38 9.52
N ALA B 194 -1.59 21.36 9.20
CA ALA B 194 -0.11 21.28 9.34
C ALA B 194 0.23 21.20 10.83
N PRO B 195 1.39 20.61 11.17
CA PRO B 195 1.76 20.47 12.56
C PRO B 195 1.73 21.79 13.33
N GLU B 196 2.25 22.86 12.73
CA GLU B 196 2.28 24.18 13.38
C GLU B 196 0.89 24.80 13.56
N SER B 197 -0.04 24.42 12.69
CA SER B 197 -1.44 24.80 12.87
C SER B 197 -2.01 24.08 14.08
N LEU B 198 -1.68 22.79 14.24
CA LEU B 198 -2.11 22.00 15.41
C LEU B 198 -1.47 22.40 16.73
N THR B 199 -0.19 22.72 16.74
CA THR B 199 0.49 23.08 18.00
C THR B 199 0.36 24.55 18.35
N GLU B 200 0.56 25.41 17.37
CA GLU B 200 0.70 26.84 17.59
C GLU B 200 -0.47 27.66 17.01
N SER B 201 -1.51 26.97 16.52
CA SER B 201 -2.64 27.62 15.84
C SER B 201 -2.20 28.59 14.78
N LYS B 202 -1.05 28.33 14.16
CA LYS B 202 -0.49 29.24 13.14
C LYS B 202 -0.94 28.83 11.74
N PHE B 203 -1.48 29.79 10.99
CA PHE B 203 -1.90 29.52 9.62
C PHE B 203 -1.20 30.40 8.58
N SER B 204 -1.01 29.86 7.37
CA SER B 204 -0.16 30.48 6.35
C SER B 204 -0.33 29.81 4.96
N VAL B 205 0.36 30.37 3.96
CA VAL B 205 0.39 29.78 2.66
C VAL B 205 0.98 28.39 2.81
N ALA B 206 2.09 28.27 3.51
CA ALA B 206 2.60 26.94 3.87
C ALA B 206 1.59 25.94 4.46
N SER B 207 0.83 26.31 5.50
CA SER B 207 -0.21 25.41 6.00
C SER B 207 -1.25 25.07 4.93
N ASP B 208 -1.65 26.02 4.09
CA ASP B 208 -2.52 25.66 2.94
C ASP B 208 -1.82 24.64 2.04
N VAL B 209 -0.54 24.82 1.83
CA VAL B 209 0.17 23.85 1.02
C VAL B 209 0.08 22.46 1.66
N TRP B 210 0.32 22.39 2.97
CA TRP B 210 0.24 21.12 3.66
C TRP B 210 -1.15 20.48 3.39
N SER B 211 -2.21 21.27 3.57
CA SER B 211 -3.60 20.81 3.36
C SER B 211 -3.86 20.36 1.94
N PHE B 212 -3.21 21.03 1.01
CA PHE B 212 -3.36 20.70 -0.35
C PHE B 212 -2.78 19.33 -0.61
N GLY B 213 -1.72 19.01 0.10
CA GLY B 213 -1.17 17.63 -0.02
C GLY B 213 -2.22 16.61 0.34
N VAL B 214 -2.98 16.89 1.38
CA VAL B 214 -4.03 16.05 1.83
C VAL B 214 -5.17 15.95 0.79
N VAL B 215 -5.53 17.04 0.16
CA VAL B 215 -6.52 17.01 -0.95
C VAL B 215 -6.11 16.06 -2.05
N LEU B 216 -4.83 16.14 -2.41
CA LEU B 216 -4.23 15.32 -3.45
C LEU B 216 -4.28 13.85 -3.07
N TYR B 217 -3.97 13.52 -1.80
CA TYR B 217 -4.25 12.19 -1.21
C TYR B 217 -5.74 11.79 -1.34
N GLU B 218 -6.67 12.64 -0.87
CA GLU B 218 -8.13 12.46 -1.11
C GLU B 218 -8.48 12.06 -2.58
N LEU B 219 -7.97 12.81 -3.55
CA LEU B 219 -8.29 12.56 -4.94
C LEU B 219 -7.80 11.18 -5.39
N PHE B 220 -6.55 10.89 -5.12
CA PHE B 220 -6.02 9.57 -5.48
C PHE B 220 -6.50 8.40 -4.63
N THR B 221 -7.15 8.62 -3.48
CA THR B 221 -7.88 7.49 -2.83
C THR B 221 -9.29 7.35 -3.36
N TYR B 222 -9.69 8.22 -4.30
CA TYR B 222 -11.07 8.24 -4.78
C TYR B 222 -12.10 8.41 -3.66
N ILE B 223 -11.66 8.96 -2.53
CA ILE B 223 -12.51 9.05 -1.34
C ILE B 223 -12.96 7.70 -0.77
N GLU B 224 -12.32 6.59 -1.17
CA GLU B 224 -12.66 5.28 -0.58
C GLU B 224 -12.70 5.43 0.97
N LYS B 225 -13.85 5.13 1.54
CA LYS B 225 -14.15 5.55 2.90
C LYS B 225 -13.14 4.96 3.86
N SER B 226 -12.83 3.69 3.67
CA SER B 226 -11.83 3.01 4.49
C SER B 226 -10.44 3.69 4.54
N LYS B 227 -10.12 4.53 3.55
CA LYS B 227 -8.77 5.13 3.40
C LYS B 227 -8.70 6.66 3.56
N SER B 228 -9.73 7.30 4.12
CA SER B 228 -9.77 8.75 4.29
C SER B 228 -8.74 9.19 5.36
N PRO B 229 -8.29 10.46 5.31
CA PRO B 229 -7.30 10.85 6.29
C PRO B 229 -7.67 10.48 7.74
N PRO B 230 -8.88 10.86 8.21
CA PRO B 230 -9.30 10.40 9.53
C PRO B 230 -9.07 8.91 9.78
N ALA B 231 -9.53 8.07 8.85
CA ALA B 231 -9.40 6.62 8.95
C ALA B 231 -7.96 6.16 9.04
N GLU B 232 -7.08 6.66 8.19
CA GLU B 232 -5.68 6.20 8.21
C GLU B 232 -4.88 6.65 9.43
N PHE B 233 -5.08 7.91 9.79
CA PHE B 233 -4.32 8.50 10.89
C PHE B 233 -4.79 7.79 12.17
N MET B 234 -6.09 7.75 12.37
CA MET B 234 -6.65 7.01 13.50
C MET B 234 -5.98 5.65 13.60
N ARG B 235 -5.88 4.93 12.48
CA ARG B 235 -5.23 3.60 12.47
C ARG B 235 -3.77 3.65 12.89
N MET B 236 -3.00 4.55 12.27
CA MET B 236 -1.56 4.69 12.54
C MET B 236 -1.28 5.03 14.02
N ILE B 237 -2.16 5.80 14.64
CA ILE B 237 -2.09 6.05 16.09
C ILE B 237 -2.31 4.80 16.97
N GLY B 238 -2.81 3.73 16.37
CA GLY B 238 -2.81 2.41 17.04
C GLY B 238 -4.03 2.16 17.93
N SER B 245 -7.34 13.51 23.98
CA SER B 245 -5.91 13.20 23.88
C SER B 245 -5.53 12.84 22.44
N ILE B 246 -6.50 12.36 21.68
CA ILE B 246 -6.27 11.99 20.29
C ILE B 246 -5.46 13.05 19.56
N VAL B 247 -5.75 14.31 19.84
CA VAL B 247 -5.04 15.43 19.22
C VAL B 247 -3.55 15.39 19.55
N THR B 248 -3.23 14.91 20.74
CA THR B 248 -1.83 14.82 21.17
C THR B 248 -1.11 13.69 20.45
N HIS B 249 -1.85 12.65 20.08
CA HIS B 249 -1.28 11.52 19.38
C HIS B 249 -0.96 11.88 17.93
N LEU B 250 -1.75 12.79 17.35
CA LEU B 250 -1.58 13.21 15.95
C LEU B 250 -0.30 14.03 15.84
N ILE B 251 -0.15 15.01 16.71
CA ILE B 251 1.05 15.81 16.82
C ILE B 251 2.30 14.94 16.97
N GLU B 252 2.26 13.97 17.88
CA GLU B 252 3.37 13.04 18.08
C GLU B 252 3.61 12.19 16.82
N LEU B 253 2.53 11.72 16.23
CA LEU B 253 2.65 10.95 15.02
C LEU B 253 3.36 11.77 13.94
N LEU B 254 2.89 12.98 13.71
CA LEU B 254 3.49 13.84 12.69
C LEU B 254 4.94 14.21 12.95
N LYS B 255 5.28 14.47 14.22
CA LYS B 255 6.62 14.85 14.61
C LYS B 255 7.63 13.74 14.41
N ASN B 256 7.17 12.49 14.53
CA ASN B 256 8.02 11.32 14.27
C ASN B 256 7.99 10.89 12.80
N ASN B 257 7.56 11.82 11.94
CA ASN B 257 7.56 11.63 10.49
C ASN B 257 6.59 10.55 9.99
N GLY B 258 5.59 10.16 10.77
CA GLY B 258 4.55 9.28 10.22
C GLY B 258 3.72 10.10 9.25
N ARG B 259 3.30 9.53 8.13
CA ARG B 259 2.56 10.26 7.11
C ARG B 259 1.51 9.33 6.54
N LEU B 260 0.53 9.88 5.84
CA LEU B 260 -0.41 9.04 5.12
C LEU B 260 0.29 8.26 3.99
N PRO B 261 -0.03 6.98 3.85
CA PRO B 261 0.56 6.05 2.89
C PRO B 261 0.21 6.34 1.43
N ARG B 262 1.11 6.04 0.48
CA ARG B 262 0.81 6.18 -0.94
C ARG B 262 -0.49 5.43 -1.26
N PRO B 263 -1.51 6.11 -1.85
CA PRO B 263 -2.74 5.37 -2.17
C PRO B 263 -2.52 4.34 -3.28
N ASP B 264 -3.24 3.22 -3.24
CA ASP B 264 -3.09 2.15 -4.24
C ASP B 264 -3.17 2.76 -5.63
N GLY B 265 -2.19 2.45 -6.48
CA GLY B 265 -2.24 2.90 -7.89
C GLY B 265 -1.66 4.29 -8.15
N CYS B 266 -1.40 5.04 -7.09
CA CYS B 266 -0.85 6.40 -7.24
C CYS B 266 0.56 6.40 -7.84
N PRO B 267 0.86 7.32 -8.79
CA PRO B 267 2.27 7.37 -9.24
C PRO B 267 3.24 7.89 -8.20
N ASP B 268 4.46 7.34 -8.25
CA ASP B 268 5.60 7.80 -7.48
C ASP B 268 5.66 9.32 -7.45
N GLU B 269 5.56 9.94 -8.62
CA GLU B 269 5.79 11.38 -8.71
C GLU B 269 4.69 12.16 -8.01
N ILE B 270 3.45 11.64 -8.05
CA ILE B 270 2.35 12.28 -7.33
C ILE B 270 2.55 12.07 -5.85
N TYR B 271 2.90 10.85 -5.43
CA TYR B 271 3.17 10.64 -4.01
C TYR B 271 4.33 11.52 -3.49
N MET B 272 5.33 11.72 -4.34
CA MET B 272 6.44 12.62 -4.02
C MET B 272 5.97 14.02 -3.74
N ILE B 273 5.02 14.50 -4.51
CA ILE B 273 4.52 15.84 -4.31
C ILE B 273 3.78 15.90 -2.97
N MET B 274 2.89 14.93 -2.71
CA MET B 274 2.30 14.81 -1.40
C MET B 274 3.35 14.94 -0.32
N THR B 275 4.39 14.09 -0.40
CA THR B 275 5.37 14.02 0.70
C THR B 275 6.04 15.38 0.88
N GLU B 276 6.30 16.09 -0.21
CA GLU B 276 6.92 17.43 -0.13
C GLU B 276 5.97 18.48 0.47
N CYS B 277 4.67 18.40 0.17
CA CYS B 277 3.71 19.25 0.83
C CYS B 277 3.72 18.97 2.31
N TRP B 278 3.91 17.72 2.71
CA TRP B 278 3.85 17.38 4.13
C TRP B 278 5.23 17.50 4.87
N ASN B 279 6.02 18.51 4.52
CA ASN B 279 7.29 18.74 5.21
C ASN B 279 7.08 19.36 6.59
N ASN B 280 7.71 18.82 7.63
CA ASN B 280 7.62 19.42 8.97
C ASN B 280 8.07 20.86 8.99
N ASN B 281 9.10 21.18 8.21
CA ASN B 281 9.54 22.59 8.06
C ASN B 281 8.72 23.42 7.07
N VAL B 282 7.98 24.39 7.61
CA VAL B 282 7.18 25.36 6.85
C VAL B 282 7.95 25.91 5.65
N ASN B 283 9.25 26.16 5.85
CA ASN B 283 10.04 26.84 4.82
C ASN B 283 10.57 25.96 3.73
N GLN B 284 10.31 24.66 3.82
CA GLN B 284 10.72 23.73 2.81
C GLN B 284 9.61 23.15 1.99
N ARG B 285 8.38 23.57 2.23
CA ARG B 285 7.25 23.13 1.41
C ARG B 285 7.24 23.88 0.10
N PRO B 286 6.74 23.25 -0.98
CA PRO B 286 6.69 23.87 -2.30
C PRO B 286 5.68 25.01 -2.42
N SER B 287 5.80 25.79 -3.49
CA SER B 287 4.89 26.90 -3.76
C SER B 287 3.79 26.39 -4.68
N PHE B 288 2.65 27.08 -4.67
CA PHE B 288 1.52 26.63 -5.52
C PHE B 288 1.86 26.85 -6.98
N ARG B 289 2.71 27.82 -7.28
CA ARG B 289 3.12 27.99 -8.70
C ARG B 289 3.91 26.80 -9.22
N ASP B 290 4.82 26.25 -8.41
CA ASP B 290 5.52 25.00 -8.74
C ASP B 290 4.65 23.75 -8.82
N LEU B 291 3.70 23.63 -7.88
CA LEU B 291 2.73 22.50 -7.86
C LEU B 291 1.91 22.46 -9.14
N ALA B 292 1.30 23.58 -9.53
CA ALA B 292 0.49 23.58 -10.74
C ALA B 292 1.34 23.08 -11.91
N LEU B 293 2.57 23.58 -11.96
CA LEU B 293 3.50 23.35 -13.03
C LEU B 293 4.01 21.90 -13.07
N ARG B 294 4.51 21.40 -11.94
CA ARG B 294 4.87 19.97 -11.85
C ARG B 294 3.69 19.05 -12.12
N VAL B 295 2.49 19.45 -11.68
CA VAL B 295 1.24 18.67 -11.90
C VAL B 295 0.83 18.72 -13.39
N ASP B 296 0.94 19.92 -13.98
CA ASP B 296 0.66 20.09 -15.40
C ASP B 296 1.57 19.15 -16.22
N GLN B 297 2.87 19.11 -15.93
CA GLN B 297 3.78 18.26 -16.76
C GLN B 297 3.60 16.76 -16.56
N VAL B 298 3.19 16.34 -15.35
CA VAL B 298 2.89 14.94 -15.12
C VAL B 298 1.63 14.57 -15.90
N ARG B 299 0.64 15.47 -15.92
CA ARG B 299 -0.57 15.26 -16.70
C ARG B 299 -0.29 15.25 -18.24
N ASP B 300 0.66 16.06 -18.66
CA ASP B 300 1.07 16.13 -20.07
C ASP B 300 1.81 14.87 -20.52
N ASN B 301 2.69 14.36 -19.64
CA ASN B 301 3.42 13.13 -19.87
C ASN B 301 2.55 11.87 -19.89
N MET B 302 1.53 11.83 -19.05
CA MET B 302 0.50 10.79 -19.08
C MET B 302 -0.35 10.87 -20.36
N ALA B 303 -0.81 12.09 -20.67
CA ALA B 303 -2.03 12.30 -21.48
C ALA B 303 -1.90 11.86 -22.92
N GLY B 304 -2.76 10.91 -23.32
CA GLY B 304 -2.76 10.34 -24.67
C GLY B 304 -2.78 8.82 -24.62
C33 7GT C . 9.49 -34.25 7.95
C34 7GT C . 10.43 -33.35 8.44
C32 7GT C . 8.13 -33.97 8.05
C4 7GT C . 14.07 -25.86 6.52
C7 7GT C . 16.72 -25.43 7.68
C6 7GT C . 15.45 -25.66 8.49
C9 7GT C . 17.42 -23.76 9.43
C13 7GT C . 19.84 -27.16 5.29
N5 7GT C . 14.52 -26.52 7.75
C19 7GT C . 13.51 -26.99 8.56
C1 7GT C . 15.85 -23.26 6.65
C2 7GT C . 16.32 -24.69 6.40
C3 7GT C . 15.25 -25.47 5.63
N8 7GT C . 17.79 -24.71 8.38
C10 7GT C . 19.13 -24.85 8.06
C11 7GT C . 19.45 -25.71 6.96
C12 7GT C . 18.86 -26.74 6.15
N14 7GT C . 21.00 -26.47 5.54
C15 7GT C . 20.78 -25.58 6.56
N16 7GT C . 21.68 -24.77 7.13
C17 7GT C . 21.23 -24.08 8.18
N18 7GT C . 19.99 -24.06 8.71
O20 7GT C . 13.34 -26.63 9.71
N21 7GT C . 12.69 -27.89 7.95
C22 7GT C . 13.02 -28.77 6.83
C23 7GT C . 12.38 -30.10 7.22
C24 7GT C . 11.24 -29.80 8.19
C25 7GT C . 11.52 -28.36 8.69
S26 7GT C . 11.18 -30.98 9.54
O27 7GT C . 12.47 -31.62 9.63
O28 7GT C . 10.64 -30.33 10.70
C29 7GT C . 10.00 -32.17 8.99
C30 7GT C . 8.64 -31.87 9.10
C31 7GT C . 7.72 -32.78 8.62
C33 7GT D . -20.67 27.80 9.51
C34 7GT D . -21.20 27.13 8.41
C32 7GT D . -20.09 27.08 10.54
C4 7GT D . -19.37 23.47 1.10
C7 7GT D . -21.48 23.45 -0.92
C6 7GT D . -21.57 22.67 0.39
C9 7GT D . -22.94 21.67 -1.88
C13 7GT D . -21.90 27.32 -3.36
N5 7GT D . -20.79 23.33 1.43
C19 7GT D . -21.11 22.98 2.69
C1 7GT D . -19.49 21.95 -1.59
C2 7GT D . -20.01 23.37 -1.35
C3 7GT D . -19.16 24.07 -0.29
N8 7GT D . -22.45 23.03 -1.97
C10 7GT D . -22.85 23.79 -3.08
C11 7GT D . -22.51 25.17 -3.24
C12 7GT D . -21.85 26.23 -2.54
N14 7GT D . -22.59 27.00 -4.51
C15 7GT D . -22.97 25.70 -4.45
N16 7GT D . -23.66 25.03 -5.36
C17 7GT D . -23.89 23.74 -5.07
N18 7GT D . -23.53 23.07 -3.99
O20 7GT D . -21.92 22.11 2.99
N21 7GT D . -20.45 23.73 3.60
C22 7GT D . -20.05 25.15 3.45
C23 7GT D . -20.60 25.81 4.70
C24 7GT D . -20.54 24.73 5.80
C25 7GT D . -20.67 23.41 5.01
S26 7GT D . -21.86 24.87 7.00
O27 7GT D . -22.90 25.69 6.45
O28 7GT D . -22.20 23.55 7.48
C29 7GT D . -21.13 25.75 8.36
C30 7GT D . -20.52 25.02 9.38
C31 7GT D . -20.02 25.70 10.48
#